data_1YT0
#
_entry.id   1YT0
#
_cell.length_a   65.910
_cell.length_b   94.860
_cell.length_c   42.910
_cell.angle_alpha   90.00
_cell.angle_beta   90.00
_cell.angle_gamma   90.00
#
_symmetry.space_group_name_H-M   'P 21 21 2'
#
loop_
_entity.id
_entity.type
_entity.pdbx_description
1 polymer Endoplasmin
2 non-polymer 'MAGNESIUM ION'
3 non-polymer "ADENOSINE-5'-DIPHOSPHATE"
4 non-polymer 'TETRAETHYLENE GLYCOL'
5 water water
#
_entity_poly.entity_id   1
_entity_poly.type   'polypeptide(L)'
_entity_poly.pdbx_seq_one_letter_code
;GSHMLREKSEKFAFQAEVNRMMKLIINSLYKNKEIFLRELISNASDALDKIRLISLTDENALAGNEELTVKIKCDKEKNL
LHVTDTGVGMTREELVKNLGTIAKSGTSEFLNKMTEAQEDGQSTSELIGQFGVGFYSAFLVADKVIVTSKHNNDTQHIWE
SDSNEFSVIADPRGNTLGRGTTITLVLKEEASDYLELDTIKNLVKKYSQFINFPIYVWSSKTGGGGKTVWDWELMN
;
_entity_poly.pdbx_strand_id   A
#
# COMPACT_ATOMS: atom_id res chain seq x y z
N GLU A 10 20.96 -6.32 1.00
CA GLU A 10 19.60 -6.58 0.46
C GLU A 10 18.65 -7.24 1.46
N LYS A 11 19.22 -7.96 2.44
CA LYS A 11 18.42 -8.63 3.45
C LYS A 11 18.62 -8.02 4.83
N PHE A 12 17.53 -7.88 5.58
CA PHE A 12 17.60 -7.30 6.92
C PHE A 12 16.69 -7.96 7.93
N ALA A 13 17.00 -7.77 9.21
CA ALA A 13 16.19 -8.31 10.30
C ALA A 13 15.39 -7.14 10.84
N PHE A 14 14.23 -7.42 11.42
CA PHE A 14 13.40 -6.36 12.00
C PHE A 14 13.93 -5.98 13.37
N GLN A 15 13.74 -4.73 13.74
CA GLN A 15 14.15 -4.22 15.03
C GLN A 15 13.26 -4.97 16.02
N ALA A 16 13.78 -5.20 17.23
CA ALA A 16 13.06 -5.91 18.29
C ALA A 16 11.67 -5.36 18.58
N GLU A 17 11.54 -4.03 18.66
CA GLU A 17 10.24 -3.40 18.92
C GLU A 17 9.23 -3.71 17.79
N VAL A 18 9.72 -3.77 16.57
CA VAL A 18 8.84 -4.06 15.44
C VAL A 18 8.23 -5.46 15.59
N ASN A 19 9.06 -6.45 15.93
CA ASN A 19 8.56 -7.81 16.12
C ASN A 19 7.47 -7.82 17.18
N ARG A 20 7.67 -7.04 18.24
CA ARG A 20 6.69 -6.97 19.33
C ARG A 20 5.40 -6.31 18.85
N MET A 21 5.53 -5.23 18.09
CA MET A 21 4.34 -4.56 17.56
C MET A 21 3.52 -5.55 16.76
N MET A 22 4.17 -6.23 15.82
CA MET A 22 3.49 -7.18 14.95
C MET A 22 2.70 -8.23 15.72
N LYS A 23 3.33 -8.83 16.73
CA LYS A 23 2.69 -9.87 17.55
C LYS A 23 1.54 -9.26 18.33
N LEU A 24 1.77 -8.08 18.86
CA LEU A 24 0.77 -7.38 19.63
C LEU A 24 -0.44 -7.05 18.75
N ILE A 25 -0.21 -6.71 17.49
CA ILE A 25 -1.29 -6.38 16.58
C ILE A 25 -2.10 -7.63 16.24
N ILE A 26 -1.37 -8.68 15.87
CA ILE A 26 -1.94 -9.95 15.47
C ILE A 26 -2.75 -10.52 16.61
N ASN A 27 -2.39 -10.14 17.82
CA ASN A 27 -3.13 -10.64 18.96
C ASN A 27 -4.28 -9.79 19.47
N SER A 28 -4.14 -8.47 19.45
CA SER A 28 -5.19 -7.60 19.95
C SER A 28 -6.15 -7.09 18.88
N LEU A 29 -6.13 -7.69 17.68
CA LEU A 29 -7.03 -7.24 16.61
C LEU A 29 -7.63 -8.37 15.79
N TYR A 30 -7.50 -9.59 16.29
CA TYR A 30 -8.02 -10.77 15.60
C TYR A 30 -9.49 -10.59 15.20
N LYS A 31 -10.18 -9.66 15.87
CA LYS A 31 -11.61 -9.41 15.57
C LYS A 31 -11.83 -8.44 14.41
N ASN A 32 -11.14 -7.30 14.43
CA ASN A 32 -11.28 -6.32 13.35
C ASN A 32 -10.13 -6.38 12.36
N LYS A 33 -10.05 -7.47 11.60
CA LYS A 33 -8.98 -7.61 10.63
C LYS A 33 -9.13 -6.63 9.47
N GLU A 34 -10.38 -6.35 9.08
CA GLU A 34 -10.64 -5.43 7.97
C GLU A 34 -10.03 -4.04 8.21
N ILE A 35 -9.45 -3.85 9.39
CA ILE A 35 -8.84 -2.58 9.76
C ILE A 35 -7.58 -2.32 8.94
N PHE A 36 -6.97 -3.39 8.42
CA PHE A 36 -5.75 -3.22 7.66
C PHE A 36 -6.01 -2.26 6.49
N LEU A 37 -7.14 -2.38 5.83
CA LEU A 37 -7.42 -1.53 4.68
C LEU A 37 -7.56 -0.06 5.06
N ARG A 38 -8.00 0.20 6.28
CA ARG A 38 -8.15 1.58 6.70
C ARG A 38 -6.78 2.21 6.91
N GLU A 39 -5.87 1.44 7.50
CA GLU A 39 -4.52 1.89 7.78
C GLU A 39 -3.76 2.17 6.50
N LEU A 40 -3.87 1.26 5.54
CA LEU A 40 -3.20 1.44 4.26
C LEU A 40 -3.80 2.64 3.52
N ILE A 41 -5.13 2.75 3.50
CA ILE A 41 -5.77 3.89 2.83
C ILE A 41 -5.38 5.18 3.54
N SER A 42 -5.08 5.05 4.83
CA SER A 42 -4.68 6.16 5.65
C SER A 42 -3.25 6.61 5.30
N ASN A 43 -2.36 5.65 5.08
CA ASN A 43 -0.98 5.94 4.71
C ASN A 43 -0.89 6.52 3.30
N ALA A 44 -1.76 6.06 2.41
CA ALA A 44 -1.76 6.56 1.04
C ALA A 44 -2.07 8.06 1.13
N SER A 45 -3.16 8.38 1.82
CA SER A 45 -3.62 9.74 2.03
C SER A 45 -2.52 10.63 2.58
N ASP A 46 -1.70 10.09 3.48
CA ASP A 46 -0.61 10.85 4.08
C ASP A 46 0.51 11.08 3.06
N ALA A 47 0.78 10.09 2.22
CA ALA A 47 1.81 10.20 1.20
C ALA A 47 1.34 11.19 0.16
N LEU A 48 0.03 11.27 -0.04
CA LEU A 48 -0.48 12.22 -1.02
C LEU A 48 -0.44 13.66 -0.50
N ASP A 49 -0.48 13.85 0.83
CA ASP A 49 -0.42 15.20 1.40
C ASP A 49 1.00 15.70 1.28
N LYS A 50 1.95 14.81 1.52
CA LYS A 50 3.36 15.19 1.46
C LYS A 50 3.80 15.66 0.07
N ILE A 51 3.42 14.93 -0.97
CA ILE A 51 3.83 15.36 -2.30
C ILE A 51 3.13 16.69 -2.61
N ARG A 52 1.88 16.80 -2.17
CA ARG A 52 1.10 18.02 -2.37
C ARG A 52 1.77 19.21 -1.69
N LEU A 53 2.32 18.99 -0.48
CA LEU A 53 3.00 20.04 0.24
C LEU A 53 4.32 20.30 -0.47
N ILE A 54 4.90 19.24 -1.03
CA ILE A 54 6.15 19.35 -1.75
C ILE A 54 5.93 20.18 -3.02
N SER A 55 4.77 20.00 -3.66
CA SER A 55 4.49 20.73 -4.88
C SER A 55 4.19 22.22 -4.69
N LEU A 56 4.32 22.71 -3.46
CA LEU A 56 4.08 24.12 -3.18
C LEU A 56 5.36 24.93 -3.41
N THR A 57 6.48 24.32 -3.05
CA THR A 57 7.77 24.97 -3.18
C THR A 57 8.62 24.27 -4.23
N ASP A 58 8.04 23.28 -4.88
CA ASP A 58 8.76 22.53 -5.90
C ASP A 58 7.85 22.33 -7.10
N GLU A 59 8.00 23.17 -8.11
CA GLU A 59 7.18 23.11 -9.32
C GLU A 59 7.40 21.84 -10.14
N ASN A 60 8.52 21.17 -9.94
CA ASN A 60 8.83 19.94 -10.68
C ASN A 60 8.30 18.68 -9.98
N ALA A 61 8.15 18.76 -8.67
CA ALA A 61 7.68 17.66 -7.82
C ALA A 61 6.63 16.69 -8.37
N LEU A 62 5.70 17.17 -9.19
CA LEU A 62 4.67 16.28 -9.73
C LEU A 62 4.92 15.85 -11.18
N ALA A 63 6.20 15.67 -11.52
CA ALA A 63 6.58 15.28 -12.88
C ALA A 63 6.41 13.79 -13.16
N GLY A 64 7.09 12.95 -12.37
CA GLY A 64 6.99 11.52 -12.55
C GLY A 64 5.57 11.01 -12.73
N ASN A 65 4.61 11.76 -12.20
CA ASN A 65 3.19 11.43 -12.29
C ASN A 65 2.43 12.74 -12.08
N GLU A 66 1.34 12.93 -12.80
CA GLU A 66 0.58 14.18 -12.68
C GLU A 66 -0.66 14.08 -11.79
N GLU A 67 -1.13 12.87 -11.54
CA GLU A 67 -2.32 12.69 -10.70
C GLU A 67 -2.02 12.39 -9.24
N LEU A 68 -3.01 12.66 -8.38
CA LEU A 68 -2.91 12.41 -6.94
C LEU A 68 -4.10 11.55 -6.59
N THR A 69 -3.92 10.23 -6.66
CA THR A 69 -5.01 9.31 -6.39
C THR A 69 -4.56 8.03 -5.66
N VAL A 70 -5.55 7.23 -5.31
CA VAL A 70 -5.34 5.96 -4.65
C VAL A 70 -6.20 4.96 -5.41
N LYS A 71 -5.55 3.97 -6.02
CA LYS A 71 -6.25 2.94 -6.79
C LYS A 71 -6.03 1.56 -6.21
N ILE A 72 -7.12 0.84 -6.01
CA ILE A 72 -7.08 -0.51 -5.45
C ILE A 72 -7.65 -1.56 -6.40
N LYS A 73 -6.91 -2.64 -6.60
CA LYS A 73 -7.36 -3.71 -7.49
C LYS A 73 -7.17 -5.10 -6.89
N CYS A 74 -8.14 -5.97 -7.15
CA CYS A 74 -8.10 -7.34 -6.67
C CYS A 74 -7.60 -8.24 -7.79
N ASP A 75 -6.87 -9.29 -7.43
CA ASP A 75 -6.36 -10.24 -8.41
C ASP A 75 -6.55 -11.59 -7.78
N LYS A 76 -7.62 -12.28 -8.12
CA LYS A 76 -7.88 -13.58 -7.52
C LYS A 76 -6.88 -14.69 -7.90
N GLU A 77 -6.80 -15.00 -9.19
CA GLU A 77 -5.89 -16.05 -9.64
C GLU A 77 -4.53 -16.00 -8.98
N LYS A 78 -4.02 -14.79 -8.75
CA LYS A 78 -2.72 -14.64 -8.12
C LYS A 78 -2.86 -14.52 -6.59
N ASN A 79 -4.10 -14.33 -6.12
CA ASN A 79 -4.40 -14.20 -4.70
C ASN A 79 -3.79 -12.92 -4.12
N LEU A 80 -3.82 -11.85 -4.91
CA LEU A 80 -3.25 -10.60 -4.49
C LEU A 80 -4.23 -9.45 -4.30
N LEU A 81 -3.79 -8.44 -3.56
CA LEU A 81 -4.57 -7.24 -3.31
C LEU A 81 -3.56 -6.09 -3.37
N HIS A 82 -3.77 -5.17 -4.30
CA HIS A 82 -2.87 -4.04 -4.47
C HIS A 82 -3.50 -2.72 -4.06
N VAL A 83 -2.71 -1.86 -3.45
CA VAL A 83 -3.14 -0.53 -3.02
C VAL A 83 -2.06 0.43 -3.49
N THR A 84 -2.40 1.18 -4.54
CA THR A 84 -1.44 2.11 -5.13
C THR A 84 -1.81 3.57 -4.97
N ASP A 85 -0.84 4.38 -4.55
CA ASP A 85 -1.04 5.80 -4.41
C ASP A 85 0.07 6.52 -5.16
N THR A 86 -0.19 7.77 -5.54
CA THR A 86 0.79 8.55 -6.27
C THR A 86 1.37 9.63 -5.38
N GLY A 87 1.56 9.26 -4.12
CA GLY A 87 2.10 10.19 -3.15
C GLY A 87 3.58 10.37 -3.33
N VAL A 88 4.24 10.80 -2.27
CA VAL A 88 5.66 11.03 -2.29
C VAL A 88 6.51 9.76 -2.55
N GLY A 89 5.97 8.58 -2.27
CA GLY A 89 6.75 7.38 -2.45
C GLY A 89 7.89 7.34 -1.43
N MET A 90 8.73 6.32 -1.50
CA MET A 90 9.86 6.19 -0.57
C MET A 90 11.14 5.80 -1.30
N THR A 91 12.28 6.29 -0.79
CA THR A 91 13.58 5.96 -1.40
C THR A 91 13.97 4.61 -0.83
N ARG A 92 15.10 4.06 -1.27
N ARG A 92 15.10 4.08 -1.27
CA ARG A 92 15.53 2.76 -0.76
CA ARG A 92 15.57 2.79 -0.79
C ARG A 92 15.86 2.87 0.73
C ARG A 92 15.89 2.86 0.70
N GLU A 93 16.53 3.94 1.11
CA GLU A 93 16.91 4.15 2.50
C GLU A 93 15.68 4.34 3.38
N GLU A 94 14.64 4.94 2.81
CA GLU A 94 13.40 5.17 3.55
C GLU A 94 12.62 3.88 3.78
N LEU A 95 12.65 2.99 2.79
CA LEU A 95 11.93 1.72 2.92
C LEU A 95 12.56 0.92 4.06
N VAL A 96 13.87 1.06 4.21
CA VAL A 96 14.58 0.31 5.23
C VAL A 96 14.42 0.85 6.65
N LYS A 97 14.25 2.16 6.76
CA LYS A 97 14.10 2.77 8.08
C LYS A 97 12.63 2.86 8.50
N ASN A 98 11.76 3.27 7.57
CA ASN A 98 10.35 3.43 7.86
C ASN A 98 9.57 2.15 8.04
N LEU A 99 10.03 1.06 7.42
CA LEU A 99 9.32 -0.20 7.52
C LEU A 99 10.08 -1.27 8.30
N GLY A 100 11.25 -0.92 8.83
CA GLY A 100 12.02 -1.90 9.59
C GLY A 100 12.31 -1.49 11.02
N THR A 101 12.01 -0.24 11.34
CA THR A 101 12.23 0.31 12.69
C THR A 101 11.06 1.21 13.05
N ILE A 102 10.75 1.32 14.34
CA ILE A 102 9.65 2.18 14.79
C ILE A 102 10.19 3.50 15.32
N GLY A 132 -4.48 4.21 15.32
CA GLY A 132 -3.11 4.34 14.91
C GLY A 132 -2.37 3.01 14.84
N VAL A 133 -3.09 1.94 14.55
CA VAL A 133 -2.48 0.60 14.47
C VAL A 133 -1.26 0.62 13.55
N GLY A 134 -1.44 1.14 12.33
CA GLY A 134 -0.31 1.21 11.41
C GLY A 134 -0.15 0.14 10.35
N PHE A 135 0.95 0.29 9.62
CA PHE A 135 1.36 -0.56 8.51
C PHE A 135 1.38 -2.06 8.76
N TYR A 136 1.90 -2.46 9.91
CA TYR A 136 2.01 -3.87 10.24
C TYR A 136 0.68 -4.56 10.45
N SER A 137 -0.41 -3.79 10.36
CA SER A 137 -1.73 -4.37 10.51
C SER A 137 -1.97 -5.14 9.21
N ALA A 138 -1.04 -5.00 8.26
CA ALA A 138 -1.14 -5.68 6.98
C ALA A 138 -0.96 -7.20 7.18
N PHE A 139 -0.20 -7.55 8.21
CA PHE A 139 0.03 -8.95 8.50
C PHE A 139 -1.18 -9.62 9.18
N LEU A 140 -2.27 -8.88 9.33
CA LEU A 140 -3.49 -9.45 9.90
C LEU A 140 -4.18 -10.32 8.86
N VAL A 141 -3.93 -10.02 7.59
CA VAL A 141 -4.56 -10.75 6.49
C VAL A 141 -3.61 -11.28 5.43
N ALA A 142 -2.31 -11.05 5.58
CA ALA A 142 -1.35 -11.48 4.57
C ALA A 142 -0.19 -12.33 5.03
N ASP A 143 0.15 -13.36 4.25
CA ASP A 143 1.27 -14.21 4.57
C ASP A 143 2.54 -13.50 4.07
N LYS A 144 2.34 -12.54 3.17
CA LYS A 144 3.46 -11.80 2.61
C LYS A 144 3.05 -10.37 2.28
N VAL A 145 3.98 -9.45 2.46
CA VAL A 145 3.75 -8.04 2.16
C VAL A 145 4.88 -7.54 1.28
N ILE A 146 4.48 -6.92 0.16
CA ILE A 146 5.41 -6.38 -0.81
C ILE A 146 5.08 -4.91 -0.97
N VAL A 147 6.12 -4.08 -0.97
CA VAL A 147 5.98 -2.63 -1.10
C VAL A 147 6.91 -2.12 -2.21
N THR A 148 6.28 -1.72 -3.30
CA THR A 148 6.97 -1.21 -4.47
C THR A 148 6.84 0.31 -4.37
N SER A 149 7.95 1.03 -4.41
CA SER A 149 7.85 2.47 -4.28
C SER A 149 8.88 3.26 -5.08
N LYS A 150 8.40 4.34 -5.70
CA LYS A 150 9.21 5.24 -6.51
C LYS A 150 9.14 6.67 -5.96
N HIS A 151 10.29 7.16 -5.49
CA HIS A 151 10.43 8.50 -4.95
C HIS A 151 11.35 9.34 -5.86
N ASN A 152 10.89 10.55 -6.20
CA ASN A 152 11.64 11.46 -7.09
C ASN A 152 13.15 11.44 -6.94
N ASN A 153 13.66 11.24 -5.72
CA ASN A 153 15.10 11.24 -5.50
C ASN A 153 15.75 9.85 -5.46
N ASP A 154 15.28 8.91 -6.26
CA ASP A 154 15.89 7.56 -6.29
C ASP A 154 15.13 6.66 -7.27
N THR A 155 15.65 5.46 -7.53
CA THR A 155 14.99 4.54 -8.46
C THR A 155 13.96 3.68 -7.75
N GLN A 156 13.00 3.15 -8.52
CA GLN A 156 11.95 2.29 -7.98
C GLN A 156 12.51 1.03 -7.33
N HIS A 157 12.14 0.81 -6.08
CA HIS A 157 12.57 -0.37 -5.33
C HIS A 157 11.39 -1.18 -4.87
N ILE A 158 11.71 -2.35 -4.32
CA ILE A 158 10.71 -3.27 -3.80
C ILE A 158 11.20 -3.74 -2.42
N TRP A 159 10.30 -3.66 -1.45
CA TRP A 159 10.56 -4.10 -0.09
C TRP A 159 9.65 -5.31 0.07
N GLU A 160 10.13 -6.39 0.68
CA GLU A 160 9.29 -7.56 0.87
C GLU A 160 9.54 -8.25 2.19
N SER A 161 8.47 -8.80 2.75
CA SER A 161 8.56 -9.47 4.03
C SER A 161 7.48 -10.50 4.31
N ASP A 162 7.88 -11.59 4.96
CA ASP A 162 6.92 -12.58 5.37
C ASP A 162 6.80 -12.38 6.90
N SER A 163 7.42 -11.32 7.42
CA SER A 163 7.42 -10.94 8.86
C SER A 163 8.59 -11.52 9.68
N ASN A 164 9.29 -12.50 9.14
CA ASN A 164 10.42 -13.12 9.84
C ASN A 164 11.76 -12.47 9.45
N GLU A 165 11.68 -11.53 8.52
CA GLU A 165 12.84 -10.81 8.00
C GLU A 165 12.30 -10.00 6.80
N PHE A 166 13.14 -9.17 6.22
CA PHE A 166 12.69 -8.41 5.06
C PHE A 166 13.87 -8.09 4.16
N SER A 167 13.56 -7.67 2.93
CA SER A 167 14.61 -7.32 1.99
C SER A 167 14.19 -6.22 1.04
N VAL A 168 15.18 -5.44 0.62
CA VAL A 168 14.97 -4.35 -0.31
C VAL A 168 15.86 -4.59 -1.53
N ILE A 169 15.26 -4.47 -2.70
CA ILE A 169 15.98 -4.66 -3.93
C ILE A 169 15.56 -3.61 -4.94
N ALA A 170 16.38 -3.42 -5.96
CA ALA A 170 16.08 -2.48 -7.02
C ALA A 170 15.04 -3.15 -7.91
N ASP A 171 13.99 -2.43 -8.29
CA ASP A 171 12.96 -3.02 -9.15
C ASP A 171 13.49 -3.28 -10.55
N PRO A 172 13.72 -4.56 -10.91
CA PRO A 172 14.23 -4.91 -12.23
C PRO A 172 13.26 -4.48 -13.34
N ARG A 173 12.04 -4.11 -12.98
CA ARG A 173 11.06 -3.66 -13.95
C ARG A 173 11.20 -2.15 -14.21
N GLY A 174 12.23 -1.55 -13.61
CA GLY A 174 12.45 -0.13 -13.79
C GLY A 174 11.42 0.75 -13.10
N ASN A 175 11.32 1.99 -13.56
N ASN A 175 11.33 2.00 -13.52
CA ASN A 175 10.39 2.97 -13.02
CA ASN A 175 10.38 2.93 -12.91
C ASN A 175 9.04 2.85 -13.74
C ASN A 175 9.04 2.90 -13.65
N THR A 176 8.15 2.03 -13.21
CA THR A 176 6.83 1.84 -13.81
C THR A 176 5.73 2.59 -13.07
N LEU A 177 6.01 3.06 -11.87
CA LEU A 177 5.03 3.79 -11.06
C LEU A 177 4.98 5.27 -11.40
N GLY A 178 6.13 5.81 -11.81
CA GLY A 178 6.23 7.22 -12.12
C GLY A 178 6.62 7.89 -10.81
N ARG A 179 5.72 7.74 -9.84
CA ARG A 179 5.90 8.28 -8.49
C ARG A 179 4.81 7.68 -7.64
N GLY A 180 5.18 7.20 -6.45
CA GLY A 180 4.18 6.61 -5.58
C GLY A 180 4.58 5.31 -4.93
N THR A 181 3.58 4.59 -4.44
CA THR A 181 3.79 3.34 -3.74
C THR A 181 2.66 2.36 -4.01
N THR A 182 3.01 1.09 -4.13
CA THR A 182 2.03 0.05 -4.31
C THR A 182 2.23 -0.93 -3.16
N ILE A 183 1.15 -1.22 -2.44
CA ILE A 183 1.19 -2.15 -1.34
C ILE A 183 0.48 -3.41 -1.81
N THR A 184 1.26 -4.48 -1.98
CA THR A 184 0.73 -5.75 -2.43
C THR A 184 0.77 -6.74 -1.30
N LEU A 185 -0.40 -7.32 -1.06
CA LEU A 185 -0.56 -8.31 -0.04
C LEU A 185 -0.86 -9.68 -0.62
N VAL A 186 -0.12 -10.69 -0.13
CA VAL A 186 -0.34 -12.09 -0.52
C VAL A 186 -1.26 -12.62 0.60
N LEU A 187 -2.56 -12.54 0.33
CA LEU A 187 -3.56 -12.94 1.28
C LEU A 187 -3.51 -14.37 1.80
N LYS A 188 -3.76 -14.51 3.10
CA LYS A 188 -3.79 -15.81 3.75
C LYS A 188 -5.03 -16.50 3.21
N GLU A 189 -5.14 -17.80 3.45
CA GLU A 189 -6.29 -18.57 2.99
C GLU A 189 -7.58 -17.96 3.53
N GLU A 190 -7.62 -17.76 4.85
CA GLU A 190 -8.80 -17.22 5.51
C GLU A 190 -9.19 -15.79 5.13
N ALA A 191 -8.31 -15.08 4.43
CA ALA A 191 -8.60 -13.70 4.05
C ALA A 191 -9.02 -13.58 2.59
N SER A 192 -9.23 -14.73 1.94
CA SER A 192 -9.63 -14.79 0.54
C SER A 192 -10.91 -14.01 0.22
N ASP A 193 -11.72 -13.73 1.24
CA ASP A 193 -12.96 -12.99 1.03
C ASP A 193 -12.69 -11.51 0.74
N TYR A 194 -11.42 -11.12 0.82
CA TYR A 194 -11.01 -9.75 0.52
C TYR A 194 -10.66 -9.63 -0.95
N LEU A 195 -10.91 -10.69 -1.70
CA LEU A 195 -10.63 -10.69 -3.14
C LEU A 195 -11.93 -10.37 -3.85
N GLU A 196 -13.03 -10.61 -3.16
CA GLU A 196 -14.35 -10.34 -3.71
C GLU A 196 -14.55 -8.83 -3.72
N LEU A 197 -14.78 -8.31 -4.92
CA LEU A 197 -14.95 -6.87 -5.14
C LEU A 197 -16.06 -6.19 -4.33
N ASP A 198 -16.93 -6.98 -3.72
CA ASP A 198 -18.02 -6.43 -2.91
C ASP A 198 -17.56 -6.12 -1.49
N THR A 199 -16.69 -6.97 -0.95
CA THR A 199 -16.18 -6.75 0.40
C THR A 199 -15.24 -5.58 0.39
N ILE A 200 -14.45 -5.49 -0.68
CA ILE A 200 -13.50 -4.40 -0.83
C ILE A 200 -14.24 -3.09 -0.94
N LYS A 201 -15.26 -3.06 -1.80
CA LYS A 201 -16.06 -1.86 -1.99
C LYS A 201 -16.74 -1.38 -0.71
N ASN A 202 -17.40 -2.29 0.01
CA ASN A 202 -18.06 -1.90 1.25
C ASN A 202 -17.05 -1.29 2.22
N LEU A 203 -15.89 -1.94 2.32
CA LEU A 203 -14.83 -1.47 3.21
C LEU A 203 -14.20 -0.15 2.74
N VAL A 204 -13.92 -0.06 1.45
CA VAL A 204 -13.29 1.14 0.89
C VAL A 204 -14.14 2.39 1.07
N LYS A 205 -15.46 2.24 0.94
CA LYS A 205 -16.34 3.39 1.09
C LYS A 205 -16.34 3.95 2.51
N LYS A 206 -16.33 3.06 3.49
CA LYS A 206 -16.33 3.50 4.88
C LYS A 206 -15.09 4.32 5.17
N TYR A 207 -13.93 3.75 4.83
CA TYR A 207 -12.65 4.40 5.07
C TYR A 207 -12.28 5.53 4.10
N SER A 208 -13.00 5.64 2.99
CA SER A 208 -12.73 6.68 2.01
C SER A 208 -13.62 7.90 2.28
N GLN A 209 -14.20 7.94 3.47
CA GLN A 209 -15.10 9.00 3.87
C GLN A 209 -14.42 10.35 4.15
N PHE A 210 -13.31 10.31 4.88
CA PHE A 210 -12.57 11.52 5.25
C PHE A 210 -11.35 11.80 4.38
N ILE A 211 -10.99 10.85 3.52
CA ILE A 211 -9.84 11.01 2.65
C ILE A 211 -10.12 12.00 1.52
N ASN A 212 -9.39 13.11 1.54
CA ASN A 212 -9.55 14.15 0.52
C ASN A 212 -8.85 13.87 -0.79
N PHE A 213 -9.00 12.64 -1.27
CA PHE A 213 -8.40 12.23 -2.54
C PHE A 213 -9.28 11.18 -3.17
N PRO A 214 -9.39 11.19 -4.51
CA PRO A 214 -10.23 10.20 -5.17
C PRO A 214 -9.69 8.78 -4.96
N ILE A 215 -10.57 7.86 -4.62
CA ILE A 215 -10.19 6.48 -4.39
C ILE A 215 -10.99 5.57 -5.30
N TYR A 216 -10.28 4.91 -6.21
CA TYR A 216 -10.91 4.01 -7.19
C TYR A 216 -10.66 2.53 -6.91
N VAL A 217 -11.54 1.70 -7.45
CA VAL A 217 -11.46 0.26 -7.33
C VAL A 217 -11.68 -0.32 -8.71
N TRP A 218 -10.66 -0.99 -9.25
CA TRP A 218 -10.77 -1.59 -10.58
C TRP A 218 -11.84 -2.68 -10.54
N SER A 219 -13.04 -2.36 -11.03
CA SER A 219 -14.15 -3.31 -11.03
C SER A 219 -14.69 -3.66 -12.43
N SER A 220 -15.78 -4.43 -12.46
CA SER A 220 -16.41 -4.86 -13.71
C SER A 220 -17.79 -4.27 -13.96
N LYS A 221 -18.25 -4.38 -15.21
CA LYS A 221 -19.56 -3.87 -15.63
C LYS A 221 -20.24 -4.84 -16.60
N THR A 222 -21.52 -4.60 -16.86
CA THR A 222 -22.30 -5.42 -17.79
C THR A 222 -22.72 -4.60 -19.01
N LYS A 227 -19.96 -9.10 -22.57
CA LYS A 227 -20.78 -7.99 -22.10
C LYS A 227 -20.31 -7.51 -20.71
N THR A 228 -19.07 -7.85 -20.37
CA THR A 228 -18.49 -7.46 -19.09
C THR A 228 -17.09 -6.88 -19.23
N VAL A 229 -16.98 -5.56 -19.09
CA VAL A 229 -15.70 -4.88 -19.20
C VAL A 229 -15.28 -4.36 -17.83
N TRP A 230 -13.98 -4.34 -17.58
CA TRP A 230 -13.45 -3.87 -16.30
C TRP A 230 -12.89 -2.47 -16.39
N ASP A 231 -13.23 -1.63 -15.41
CA ASP A 231 -12.77 -0.26 -15.38
C ASP A 231 -12.85 0.31 -13.96
N TRP A 232 -12.10 1.38 -13.73
CA TRP A 232 -12.07 2.03 -12.42
C TRP A 232 -13.44 2.57 -12.01
N GLU A 233 -13.72 2.48 -10.72
CA GLU A 233 -14.98 2.95 -10.17
C GLU A 233 -14.68 3.81 -8.94
N LEU A 234 -14.97 5.10 -9.02
CA LEU A 234 -14.73 6.01 -7.90
C LEU A 234 -15.56 5.56 -6.71
N MET A 235 -14.97 5.65 -5.52
CA MET A 235 -15.64 5.23 -4.29
C MET A 235 -16.06 6.37 -3.36
N ASN A 236 -15.44 7.53 -3.50
CA ASN A 236 -15.77 8.65 -2.62
C ASN A 236 -16.01 9.95 -3.38
#